data_6DB1
#
_entry.id   6DB1
#
_cell.length_a   89.226
_cell.length_b   89.226
_cell.length_c   65.890
_cell.angle_alpha   90.00
_cell.angle_beta   90.00
_cell.angle_gamma   120.00
#
_symmetry.space_group_name_H-M   'P 63'
#
loop_
_entity.id
_entity.type
_entity.pdbx_description
1 polymer 'Putative methyl-accepting chemotaxis protein'
2 non-polymer 'CHLORIDE ION'
3 water water
#
_entity_poly.entity_id   1
_entity_poly.type   'polypeptide(L)'
_entity_poly.pdbx_seq_one_letter_code
;SNALSEVSEGNDIDRHLVRQ(MSE)TVLSQGNDQYFRFVTRLSRA(MSE)DVKIGGGTPDFAPARQSLEN(MSE)RQKLE
E(MSE)KALSPGP(MSE)NPDISREVLSNWQALLEKGVVPQ(MSE)QLAQQGSLTAWSEHASTVTPALSRAFGASAERFS
HEAGA(MSE)LDNTRV(MSE)VDGKTYTIR
;
_entity_poly.pdbx_strand_id   A,B
#
# COMPACT_ATOMS: atom_id res chain seq x y z
N ASP A 12 1.32 23.40 -6.15
CA ASP A 12 1.74 23.75 -4.78
C ASP A 12 2.45 22.55 -4.13
N ILE A 13 3.10 22.81 -3.02
CA ILE A 13 3.88 21.79 -2.34
C ILE A 13 2.95 20.65 -1.87
N ASP A 14 1.76 20.96 -1.36
CA ASP A 14 0.88 19.90 -0.87
C ASP A 14 0.51 18.91 -1.98
N ARG A 15 0.15 19.43 -3.16
CA ARG A 15 -0.20 18.56 -4.28
C ARG A 15 0.99 17.70 -4.69
N HIS A 16 2.21 18.25 -4.72
CA HIS A 16 3.35 17.45 -5.17
C HIS A 16 3.62 16.30 -4.18
N LEU A 17 3.62 16.61 -2.87
N LEU A 17 3.59 16.62 -2.89
CA LEU A 17 3.84 15.56 -1.86
CA LEU A 17 3.85 15.63 -1.87
C LEU A 17 2.79 14.47 -2.03
C LEU A 17 2.79 14.51 -1.93
N VAL A 18 1.54 14.89 -2.14
CA VAL A 18 0.41 13.95 -2.26
C VAL A 18 0.58 13.07 -3.53
N ARG A 19 1.03 13.63 -4.66
N ARG A 19 1.06 13.65 -4.65
CA ARG A 19 1.25 12.80 -5.85
CA ARG A 19 1.29 12.83 -5.84
C ARG A 19 2.32 11.75 -5.52
C ARG A 19 2.31 11.74 -5.50
N GLN A 20 3.39 12.14 -4.83
CA GLN A 20 4.45 11.19 -4.45
C GLN A 20 3.91 10.10 -3.51
N THR A 22 0.87 9.07 -3.25
CA THR A 22 -0.06 8.25 -4.01
C THR A 22 0.70 7.25 -4.91
N VAL A 23 1.76 7.71 -5.58
CA VAL A 23 2.55 6.83 -6.43
C VAL A 23 3.22 5.74 -5.58
N LEU A 24 3.71 6.11 -4.40
CA LEU A 24 4.33 5.15 -3.49
C LEU A 24 3.30 4.11 -3.03
N SER A 25 2.09 4.54 -2.68
CA SER A 25 1.05 3.57 -2.25
C SER A 25 0.66 2.64 -3.39
N GLN A 26 0.56 3.20 -4.58
CA GLN A 26 0.22 2.42 -5.75
C GLN A 26 1.33 1.39 -5.99
N GLY A 27 2.60 1.80 -5.83
CA GLY A 27 3.70 0.88 -6.01
C GLY A 27 3.61 -0.28 -5.02
N ASN A 28 3.25 0.04 -3.79
CA ASN A 28 3.15 -0.93 -2.69
C ASN A 28 1.97 -1.88 -2.96
N ASP A 29 0.84 -1.31 -3.35
CA ASP A 29 -0.30 -2.09 -3.68
C ASP A 29 0.04 -3.07 -4.82
N GLN A 30 0.74 -2.61 -5.84
CA GLN A 30 1.09 -3.45 -7.02
C GLN A 30 2.09 -4.54 -6.64
N TYR A 31 2.95 -4.26 -5.68
CA TYR A 31 3.86 -5.25 -5.21
C TYR A 31 3.06 -6.32 -4.44
N PHE A 32 2.20 -5.92 -3.48
CA PHE A 32 1.46 -6.93 -2.73
C PHE A 32 0.62 -7.76 -3.71
N ARG A 33 0.03 -7.11 -4.70
CA ARG A 33 -0.76 -7.84 -5.66
C ARG A 33 0.12 -8.90 -6.32
N PHE A 34 1.26 -8.47 -6.84
CA PHE A 34 2.17 -9.34 -7.54
C PHE A 34 2.40 -10.65 -6.77
N VAL A 35 2.62 -10.55 -5.46
CA VAL A 35 2.92 -11.71 -4.64
C VAL A 35 1.71 -12.66 -4.62
N THR A 36 0.50 -12.12 -4.59
CA THR A 36 -0.69 -12.95 -4.54
C THR A 36 -1.01 -13.52 -5.94
N ARG A 37 -0.92 -12.64 -6.94
N ARG A 37 -0.96 -12.68 -6.96
CA ARG A 37 -1.18 -12.99 -8.33
CA ARG A 37 -1.32 -13.17 -8.29
C ARG A 37 -0.36 -14.24 -8.69
C ARG A 37 -0.35 -14.29 -8.73
N LEU A 38 0.95 -14.12 -8.46
CA LEU A 38 1.94 -15.16 -8.82
C LEU A 38 1.70 -16.46 -8.06
N SER A 39 1.31 -16.33 -6.79
CA SER A 39 1.06 -17.50 -5.96
C SER A 39 -0.11 -18.32 -6.52
N ARG A 40 -1.21 -17.65 -6.92
CA ARG A 40 -2.37 -18.38 -7.45
C ARG A 40 -1.99 -19.07 -8.77
N ALA A 41 -1.18 -18.41 -9.59
CA ALA A 41 -0.74 -19.02 -10.87
C ALA A 41 0.09 -20.29 -10.58
N ASP A 43 -0.09 -22.27 -7.77
CA ASP A 43 -0.88 -23.35 -7.21
C ASP A 43 -1.42 -24.18 -8.37
N VAL A 44 -1.86 -23.50 -9.43
CA VAL A 44 -2.38 -24.11 -10.67
C VAL A 44 -1.27 -24.94 -11.34
N LYS A 45 -0.06 -24.37 -11.40
CA LYS A 45 1.08 -25.06 -12.01
C LYS A 45 1.44 -26.28 -11.15
N ILE A 46 1.43 -26.10 -9.83
CA ILE A 46 1.72 -27.19 -8.88
C ILE A 46 0.59 -28.22 -8.90
N GLY A 47 -0.61 -27.78 -9.27
CA GLY A 47 -1.77 -28.65 -9.37
C GLY A 47 -1.83 -29.38 -10.70
N GLY A 48 -0.75 -29.27 -11.48
CA GLY A 48 -0.66 -29.94 -12.78
C GLY A 48 -1.43 -29.23 -13.88
N GLY A 49 -1.79 -27.96 -13.66
CA GLY A 49 -2.55 -27.17 -14.64
C GLY A 49 -1.69 -26.20 -15.43
N THR A 50 -2.34 -25.56 -16.41
CA THR A 50 -1.70 -24.58 -17.31
C THR A 50 -1.80 -23.18 -16.67
N PRO A 51 -0.70 -22.69 -16.08
CA PRO A 51 -0.78 -21.39 -15.42
C PRO A 51 -0.96 -20.20 -16.38
N ASP A 52 -1.62 -19.15 -15.88
CA ASP A 52 -1.78 -17.91 -16.62
C ASP A 52 -0.89 -16.92 -15.89
N PHE A 53 0.17 -16.49 -16.55
CA PHE A 53 1.11 -15.54 -15.93
C PHE A 53 0.78 -14.10 -16.33
N ALA A 54 -0.14 -13.91 -17.28
CA ALA A 54 -0.49 -12.56 -17.80
C ALA A 54 -0.73 -11.54 -16.66
N PRO A 55 -1.51 -11.92 -15.61
CA PRO A 55 -1.82 -11.02 -14.48
C PRO A 55 -0.62 -10.66 -13.58
N ALA A 56 0.22 -11.64 -13.29
CA ALA A 56 1.40 -11.34 -12.46
C ALA A 56 2.30 -10.38 -13.24
N ARG A 57 2.52 -10.69 -14.51
CA ARG A 57 3.33 -9.84 -15.40
C ARG A 57 2.77 -8.42 -15.38
N GLN A 58 1.44 -8.29 -15.32
CA GLN A 58 0.79 -6.99 -15.33
C GLN A 58 1.19 -6.21 -14.07
N SER A 59 1.20 -6.90 -12.93
CA SER A 59 1.53 -6.27 -11.67
C SER A 59 3.02 -5.87 -11.67
N LEU A 60 3.91 -6.76 -12.09
CA LEU A 60 5.33 -6.49 -12.16
C LEU A 60 5.53 -5.24 -13.03
N GLU A 61 4.87 -5.24 -14.19
CA GLU A 61 4.98 -4.11 -15.10
C GLU A 61 4.41 -2.83 -14.44
N ASN A 62 3.34 -2.95 -13.66
CA ASN A 62 2.75 -1.76 -12.99
C ASN A 62 3.72 -1.25 -11.90
N ARG A 64 6.98 -1.52 -11.96
CA ARG A 64 8.09 -0.92 -12.70
C ARG A 64 7.66 0.48 -13.17
N GLN A 65 6.43 0.60 -13.69
N GLN A 65 6.42 0.57 -13.67
CA GLN A 65 5.91 1.89 -14.15
CA GLN A 65 5.83 1.85 -14.13
C GLN A 65 5.80 2.87 -12.96
C GLN A 65 5.78 2.85 -12.98
N LYS A 66 5.37 2.38 -11.79
CA LYS A 66 5.24 3.27 -10.65
C LYS A 66 6.62 3.72 -10.14
N LEU A 67 7.64 2.88 -10.22
CA LEU A 67 8.97 3.31 -9.84
C LEU A 67 9.44 4.43 -10.79
N GLU A 68 9.20 4.27 -12.09
CA GLU A 68 9.63 5.28 -13.03
C GLU A 68 8.94 6.61 -12.72
N GLU A 69 7.65 6.55 -12.39
CA GLU A 69 6.87 7.74 -12.07
C GLU A 69 7.40 8.35 -10.75
N LYS A 71 10.47 8.18 -9.61
CA LYS A 71 11.77 8.81 -9.93
C LYS A 71 11.60 10.18 -10.60
N ALA A 72 10.64 10.26 -11.52
CA ALA A 72 10.36 11.50 -12.27
C ALA A 72 9.88 12.62 -11.33
N LEU A 73 9.26 12.26 -10.20
CA LEU A 73 8.72 13.22 -9.20
C LEU A 73 9.71 13.56 -8.09
N SER A 74 10.84 12.84 -8.01
CA SER A 74 11.77 12.95 -6.89
C SER A 74 13.08 13.70 -7.22
N PRO A 75 13.66 14.33 -6.20
CA PRO A 75 13.12 14.34 -4.82
C PRO A 75 11.99 15.34 -4.59
N GLY A 76 11.86 16.34 -5.47
CA GLY A 76 10.84 17.34 -5.23
C GLY A 76 11.07 18.05 -3.89
N PRO A 77 10.00 18.32 -3.14
CA PRO A 77 10.05 19.00 -1.84
C PRO A 77 10.46 18.12 -0.65
N ASN A 79 12.84 15.46 1.59
CA ASN A 79 14.27 15.39 1.95
C ASN A 79 14.98 14.42 0.99
N PRO A 80 16.03 14.90 0.30
CA PRO A 80 16.81 14.12 -0.69
C PRO A 80 17.27 12.75 -0.19
N ASP A 81 17.65 12.62 1.08
CA ASP A 81 18.08 11.32 1.65
C ASP A 81 16.96 10.30 1.69
N ILE A 82 15.81 10.72 2.16
CA ILE A 82 14.65 9.85 2.27
C ILE A 82 14.18 9.47 0.86
N SER A 83 14.14 10.46 -0.01
CA SER A 83 13.68 10.20 -1.36
C SER A 83 14.56 9.11 -1.99
N ARG A 84 15.87 9.22 -1.78
CA ARG A 84 16.87 8.28 -2.29
C ARG A 84 16.73 6.88 -1.70
N GLU A 85 16.49 6.79 -0.41
CA GLU A 85 16.33 5.50 0.22
C GLU A 85 15.17 4.75 -0.43
N VAL A 86 14.05 5.45 -0.63
CA VAL A 86 12.82 4.89 -1.20
C VAL A 86 13.09 4.32 -2.61
N LEU A 87 13.67 5.14 -3.48
CA LEU A 87 13.91 4.72 -4.86
C LEU A 87 14.89 3.55 -4.92
N SER A 88 15.93 3.55 -4.09
CA SER A 88 16.92 2.46 -4.15
C SER A 88 16.32 1.15 -3.62
N ASN A 89 15.56 1.21 -2.54
CA ASN A 89 14.95 -0.01 -1.98
C ASN A 89 13.83 -0.51 -2.90
N TRP A 90 13.11 0.42 -3.52
CA TRP A 90 12.05 0.04 -4.46
C TRP A 90 12.69 -0.69 -5.64
N GLN A 91 13.73 -0.06 -6.20
CA GLN A 91 14.43 -0.62 -7.39
C GLN A 91 15.06 -1.98 -7.05
N ALA A 92 15.60 -2.13 -5.84
CA ALA A 92 16.20 -3.40 -5.44
C ALA A 92 15.11 -4.47 -5.35
N LEU A 93 14.01 -4.16 -4.67
CA LEU A 93 12.93 -5.10 -4.49
C LEU A 93 12.49 -5.65 -5.85
N LEU A 94 12.46 -4.78 -6.84
CA LEU A 94 12.02 -5.12 -8.17
C LEU A 94 13.07 -5.92 -8.94
N GLU A 95 14.30 -5.41 -9.02
CA GLU A 95 15.32 -6.05 -9.85
C GLU A 95 15.95 -7.29 -9.20
N LYS A 96 15.86 -7.43 -7.88
CA LYS A 96 16.50 -8.56 -7.21
C LYS A 96 15.46 -9.49 -6.56
N GLY A 97 14.25 -9.02 -6.30
CA GLY A 97 13.26 -9.88 -5.68
C GLY A 97 12.19 -10.35 -6.64
N VAL A 98 11.46 -9.39 -7.17
CA VAL A 98 10.30 -9.60 -8.03
C VAL A 98 10.67 -10.20 -9.39
N VAL A 99 11.59 -9.59 -10.11
CA VAL A 99 11.91 -10.06 -11.43
C VAL A 99 12.44 -11.50 -11.37
N PRO A 100 13.41 -11.78 -10.50
CA PRO A 100 13.84 -13.16 -10.51
C PRO A 100 12.67 -14.13 -10.28
N GLN A 101 11.86 -13.88 -9.26
CA GLN A 101 10.73 -14.77 -8.99
C GLN A 101 9.95 -15.07 -10.27
N GLN A 103 10.92 -14.83 -13.47
CA GLN A 103 11.68 -15.59 -14.45
C GLN A 103 11.85 -17.03 -13.95
N LEU A 104 11.95 -17.17 -12.64
CA LEU A 104 12.16 -18.46 -12.00
C LEU A 104 10.83 -19.23 -11.98
N ALA A 105 9.72 -18.53 -11.88
CA ALA A 105 8.40 -19.18 -11.83
C ALA A 105 8.06 -19.79 -13.20
N GLN A 106 8.71 -19.26 -14.22
CA GLN A 106 8.50 -19.72 -15.57
C GLN A 106 9.55 -20.79 -15.94
N GLN A 107 10.38 -21.26 -15.01
CA GLN A 107 11.41 -22.25 -15.40
C GLN A 107 11.86 -23.12 -14.22
N GLY A 108 12.29 -22.47 -13.12
CA GLY A 108 12.83 -23.15 -11.93
C GLY A 108 11.87 -24.12 -11.27
N SER A 109 12.22 -24.50 -10.03
CA SER A 109 11.46 -25.46 -9.23
C SER A 109 11.12 -24.85 -7.87
N LEU A 110 10.73 -25.71 -6.93
CA LEU A 110 10.44 -25.25 -5.58
C LEU A 110 11.76 -24.84 -4.93
N THR A 111 12.86 -25.51 -5.35
CA THR A 111 14.22 -25.24 -4.83
C THR A 111 14.66 -23.84 -5.25
N ALA A 112 13.96 -23.28 -6.22
CA ALA A 112 14.31 -21.96 -6.74
C ALA A 112 13.19 -20.96 -6.42
N TRP A 113 12.16 -20.89 -7.27
CA TRP A 113 11.07 -19.90 -7.13
C TRP A 113 10.48 -19.88 -5.72
N SER A 114 10.18 -21.02 -5.14
CA SER A 114 9.59 -21.03 -3.80
C SER A 114 10.66 -20.67 -2.75
N GLU A 115 11.87 -21.22 -2.88
CA GLU A 115 12.92 -20.97 -1.90
C GLU A 115 13.44 -19.52 -2.01
N HIS A 116 13.64 -19.03 -3.24
CA HIS A 116 14.11 -17.65 -3.45
C HIS A 116 13.13 -16.65 -2.82
N ALA A 117 11.86 -16.88 -3.11
CA ALA A 117 10.74 -16.04 -2.66
C ALA A 117 10.61 -16.01 -1.14
N SER A 118 11.03 -17.09 -0.45
CA SER A 118 10.90 -17.16 1.01
C SER A 118 12.15 -16.64 1.73
N THR A 119 13.31 -16.65 1.05
CA THR A 119 14.54 -16.23 1.70
C THR A 119 15.00 -14.85 1.21
N VAL A 120 15.23 -14.72 -0.10
CA VAL A 120 15.80 -13.49 -0.66
C VAL A 120 14.79 -12.33 -0.66
N THR A 121 13.59 -12.55 -1.18
CA THR A 121 12.63 -11.43 -1.33
C THR A 121 12.37 -10.75 0.03
N PRO A 122 11.71 -11.43 0.99
CA PRO A 122 11.42 -10.78 2.29
C PRO A 122 12.41 -9.71 2.78
N ALA A 123 13.71 -9.99 2.80
CA ALA A 123 14.68 -9.00 3.25
C ALA A 123 14.51 -7.69 2.48
N LEU A 124 14.36 -7.80 1.16
CA LEU A 124 14.21 -6.67 0.24
C LEU A 124 12.87 -5.97 0.46
N SER A 125 11.87 -6.78 0.76
CA SER A 125 10.54 -6.28 1.01
C SER A 125 10.56 -5.47 2.31
N ARG A 126 11.25 -5.99 3.31
CA ARG A 126 11.32 -5.37 4.60
C ARG A 126 12.04 -4.01 4.50
N ALA A 127 13.06 -3.90 3.68
CA ALA A 127 13.77 -2.65 3.57
C ALA A 127 12.90 -1.61 2.85
N PHE A 128 12.14 -2.05 1.85
CA PHE A 128 11.28 -1.13 1.13
C PHE A 128 10.24 -0.59 2.11
N GLY A 129 9.70 -1.47 2.93
CA GLY A 129 8.72 -1.05 3.92
C GLY A 129 9.29 -0.04 4.89
N ALA A 130 10.59 -0.16 5.22
CA ALA A 130 11.20 0.75 6.21
C ALA A 130 11.37 2.13 5.57
N SER A 131 11.76 2.13 4.30
CA SER A 131 11.91 3.39 3.59
C SER A 131 10.53 4.03 3.40
N ALA A 132 9.53 3.23 3.03
CA ALA A 132 8.21 3.81 2.82
C ALA A 132 7.71 4.44 4.12
N GLU A 133 8.04 3.85 5.27
CA GLU A 133 7.65 4.40 6.58
C GLU A 133 8.36 5.74 6.79
N ARG A 134 9.64 5.78 6.47
CA ARG A 134 10.42 6.99 6.64
C ARG A 134 9.80 8.10 5.78
N PHE A 135 9.35 7.73 4.59
CA PHE A 135 8.74 8.71 3.69
C PHE A 135 7.40 9.20 4.23
N SER A 136 6.52 8.27 4.60
N SER A 136 6.55 8.25 4.60
CA SER A 136 5.21 8.65 5.06
CA SER A 136 5.22 8.54 5.10
C SER A 136 5.32 9.54 6.30
C SER A 136 5.29 9.46 6.32
N HIS A 137 6.26 9.24 7.19
CA HIS A 137 6.44 10.02 8.42
C HIS A 137 6.84 11.47 8.10
N GLU A 138 7.83 11.68 7.23
N GLU A 138 7.81 11.65 7.21
CA GLU A 138 8.23 13.04 6.94
CA GLU A 138 8.28 12.99 6.87
C GLU A 138 7.11 13.77 6.17
C GLU A 138 7.17 13.75 6.14
N ALA A 139 6.44 13.06 5.26
CA ALA A 139 5.36 13.70 4.48
C ALA A 139 4.23 14.11 5.42
N GLY A 140 3.87 13.19 6.32
CA GLY A 140 2.85 13.45 7.31
C GLY A 140 3.16 14.66 8.17
N ALA A 141 4.43 14.86 8.50
CA ALA A 141 4.82 15.98 9.34
C ALA A 141 4.72 17.29 8.54
N LEU A 143 2.80 17.85 5.79
CA LEU A 143 1.38 18.07 5.47
C LEU A 143 0.54 18.49 6.69
N ASP A 144 0.76 17.86 7.84
CA ASP A 144 -0.04 18.17 9.03
C ASP A 144 0.58 19.20 9.99
N ASN A 145 1.70 19.79 9.55
N ASN A 145 1.67 19.86 9.57
CA ASN A 145 2.40 20.80 10.34
CA ASN A 145 2.32 20.88 10.41
C ASN A 145 2.58 20.28 11.76
C ASN A 145 2.57 20.29 11.81
N THR A 146 2.92 19.00 11.84
CA THR A 146 3.09 18.24 13.09
C THR A 146 4.50 18.34 13.70
N ARG A 147 5.47 18.88 12.97
CA ARG A 147 6.87 18.91 13.42
C ARG A 147 7.13 19.98 14.51
N VAL A 148 8.14 19.74 15.36
CA VAL A 148 8.58 20.71 16.39
C VAL A 148 10.11 20.60 16.50
N ASN B 11 -6.84 30.35 -2.96
CA ASN B 11 -7.55 29.07 -3.18
C ASN B 11 -8.38 28.72 -1.95
N ASP B 12 -9.68 28.55 -2.16
CA ASP B 12 -10.66 28.22 -1.10
C ASP B 12 -11.26 26.90 -1.54
N ILE B 13 -11.91 26.90 -2.71
CA ILE B 13 -12.32 25.63 -3.26
C ILE B 13 -11.05 24.82 -3.54
N ASP B 14 -10.04 25.45 -4.16
CA ASP B 14 -8.80 24.74 -4.47
C ASP B 14 -8.17 24.10 -3.25
N ARG B 15 -8.14 24.85 -2.16
CA ARG B 15 -7.51 24.42 -0.91
C ARG B 15 -8.31 23.25 -0.30
N HIS B 16 -9.63 23.34 -0.37
CA HIS B 16 -10.52 22.31 0.14
C HIS B 16 -10.27 21.01 -0.64
N LEU B 17 -10.27 21.10 -1.97
CA LEU B 17 -10.01 19.93 -2.84
C LEU B 17 -8.67 19.27 -2.49
N VAL B 18 -7.63 20.08 -2.34
CA VAL B 18 -6.31 19.55 -2.08
C VAL B 18 -6.30 18.88 -0.70
N ARG B 19 -7.05 19.42 0.23
CA ARG B 19 -7.08 18.84 1.55
C ARG B 19 -7.78 17.47 1.43
N GLN B 20 -8.89 17.40 0.70
CA GLN B 20 -9.61 16.13 0.49
C GLN B 20 -8.67 15.12 -0.16
N THR B 22 -5.49 15.13 0.02
CA THR B 22 -4.43 14.88 1.00
C THR B 22 -4.86 13.80 2.02
N VAL B 23 -6.02 14.04 2.65
CA VAL B 23 -6.54 13.11 3.64
C VAL B 23 -6.77 11.72 3.00
N LEU B 24 -7.28 11.71 1.80
CA LEU B 24 -7.54 10.48 1.07
C LEU B 24 -6.23 9.71 0.83
N SER B 25 -5.19 10.42 0.42
CA SER B 25 -3.87 9.82 0.23
C SER B 25 -3.29 9.32 1.56
N GLN B 26 -3.49 10.09 2.64
CA GLN B 26 -2.98 9.76 3.97
C GLN B 26 -3.68 8.51 4.53
N GLY B 27 -4.98 8.41 4.27
CA GLY B 27 -5.72 7.26 4.70
C GLY B 27 -5.24 6.00 3.99
N ASN B 28 -4.97 6.10 2.69
CA ASN B 28 -4.54 4.96 1.92
C ASN B 28 -3.13 4.55 2.37
N ASP B 29 -2.30 5.54 2.68
CA ASP B 29 -0.95 5.29 3.15
C ASP B 29 -0.98 4.57 4.50
N GLN B 30 -1.83 5.03 5.42
CA GLN B 30 -1.95 4.39 6.74
C GLN B 30 -2.42 2.94 6.59
N TYR B 31 -3.18 2.65 5.54
CA TYR B 31 -3.59 1.31 5.31
C TYR B 31 -2.36 0.44 5.07
N PHE B 32 -1.51 0.87 4.13
CA PHE B 32 -0.31 0.10 3.81
C PHE B 32 0.61 0.03 5.03
N ARG B 33 0.71 1.09 5.82
CA ARG B 33 1.56 1.03 7.01
C ARG B 33 1.02 -0.08 7.94
N PHE B 34 -0.31 -0.10 8.10
CA PHE B 34 -1.00 -1.06 8.96
C PHE B 34 -0.76 -2.50 8.50
N VAL B 35 -1.00 -2.76 7.22
CA VAL B 35 -0.79 -4.12 6.73
C VAL B 35 0.67 -4.52 6.96
N THR B 36 1.60 -3.66 6.55
CA THR B 36 3.03 -3.98 6.69
C THR B 36 3.44 -4.21 8.16
N ARG B 37 2.95 -3.39 9.07
CA ARG B 37 3.34 -3.52 10.47
C ARG B 37 2.69 -4.77 11.09
N LEU B 38 1.44 -5.05 10.72
CA LEU B 38 0.75 -6.19 11.29
C LEU B 38 1.42 -7.47 10.80
N SER B 39 1.88 -7.42 9.56
CA SER B 39 2.54 -8.58 8.97
C SER B 39 3.84 -8.87 9.73
N ARG B 40 4.63 -7.83 10.00
CA ARG B 40 5.90 -7.94 10.73
C ARG B 40 5.64 -8.66 12.07
N ALA B 41 4.77 -8.05 12.88
CA ALA B 41 4.41 -8.56 14.18
C ALA B 41 3.89 -10.00 14.06
N ASP B 43 4.72 -12.17 11.71
CA ASP B 43 5.86 -13.07 11.44
C ASP B 43 6.57 -13.49 12.74
N VAL B 44 6.78 -12.53 13.64
CA VAL B 44 7.43 -12.79 14.94
C VAL B 44 6.63 -13.86 15.70
N LYS B 45 5.30 -13.77 15.65
CA LYS B 45 4.46 -14.77 16.31
C LYS B 45 4.71 -16.14 15.66
N ILE B 46 4.80 -16.17 14.32
CA ILE B 46 5.02 -17.42 13.59
C ILE B 46 6.42 -17.98 13.92
N GLY B 47 7.38 -17.08 14.14
CA GLY B 47 8.75 -17.48 14.45
C GLY B 47 8.98 -17.70 15.94
N GLY B 48 7.94 -18.15 16.65
CA GLY B 48 8.04 -18.37 18.09
C GLY B 48 8.59 -17.14 18.81
N GLY B 49 7.91 -16.01 18.69
CA GLY B 49 8.33 -14.77 19.34
C GLY B 49 7.17 -14.08 20.04
N THR B 50 7.45 -12.91 20.61
CA THR B 50 6.41 -12.13 21.31
C THR B 50 6.01 -10.93 20.45
N PRO B 51 4.85 -11.01 19.76
CA PRO B 51 4.42 -9.91 18.86
C PRO B 51 3.96 -8.62 19.58
N ASP B 52 4.41 -7.50 19.05
CA ASP B 52 4.08 -6.16 19.55
C ASP B 52 3.08 -5.59 18.56
N PHE B 53 1.83 -5.49 18.98
CA PHE B 53 0.77 -4.99 18.13
C PHE B 53 0.55 -3.48 18.32
N ALA B 54 1.40 -2.79 19.09
CA ALA B 54 1.20 -1.33 19.28
C ALA B 54 1.39 -0.58 17.95
N PRO B 55 2.43 -0.90 17.17
CA PRO B 55 2.58 -0.21 15.84
C PRO B 55 1.36 -0.32 14.91
N ALA B 56 0.86 -1.55 14.70
CA ALA B 56 -0.28 -1.77 13.85
C ALA B 56 -1.51 -1.06 14.43
N ARG B 57 -1.74 -1.15 15.73
CA ARG B 57 -2.92 -0.45 16.28
C ARG B 57 -2.81 1.05 16.01
N GLN B 58 -1.59 1.57 15.95
CA GLN B 58 -1.36 3.00 15.73
C GLN B 58 -1.84 3.37 14.33
N SER B 59 -1.55 2.52 13.36
CA SER B 59 -1.91 2.77 11.95
C SER B 59 -3.43 2.68 11.79
N LEU B 60 -4.01 1.68 12.45
CA LEU B 60 -5.47 1.45 12.44
C LEU B 60 -6.19 2.70 12.97
N GLU B 61 -5.71 3.24 14.08
CA GLU B 61 -6.31 4.43 14.66
C GLU B 61 -6.09 5.61 13.73
N ASN B 62 -4.87 5.76 13.25
CA ASN B 62 -4.56 6.85 12.29
C ASN B 62 -5.58 6.82 11.13
N ARG B 64 -8.65 5.59 11.04
CA ARG B 64 -9.98 5.93 11.44
C ARG B 64 -10.04 7.43 11.67
N GLN B 65 -8.99 8.03 12.21
CA GLN B 65 -9.01 9.48 12.42
C GLN B 65 -9.03 10.18 11.04
N LYS B 66 -8.30 9.66 10.05
CA LYS B 66 -8.31 10.29 8.74
C LYS B 66 -9.72 10.14 8.13
N LEU B 67 -10.42 9.06 8.47
CA LEU B 67 -11.79 8.90 7.96
C LEU B 67 -12.66 9.99 8.62
N GLU B 68 -12.45 10.23 9.91
CA GLU B 68 -13.21 11.29 10.56
C GLU B 68 -12.83 12.63 9.91
N GLU B 69 -11.56 12.86 9.59
CA GLU B 69 -11.18 14.13 8.95
C GLU B 69 -11.85 14.25 7.57
N LYS B 71 -14.75 12.93 6.59
CA LYS B 71 -16.16 13.21 6.73
C LYS B 71 -16.38 14.71 6.95
N ALA B 72 -15.56 15.32 7.81
CA ALA B 72 -15.73 16.75 8.13
C ALA B 72 -15.53 17.62 6.90
N LEU B 73 -14.77 17.13 5.90
CA LEU B 73 -14.47 17.88 4.68
C LEU B 73 -15.48 17.61 3.57
N SER B 74 -16.27 16.56 3.68
CA SER B 74 -17.07 16.21 2.51
C SER B 74 -18.52 16.70 2.63
N PRO B 75 -19.23 16.78 1.49
CA PRO B 75 -18.73 16.46 0.14
C PRO B 75 -17.85 17.55 -0.49
N GLY B 76 -17.79 18.70 0.18
CA GLY B 76 -17.00 19.80 -0.31
C GLY B 76 -17.61 20.36 -1.57
N PRO B 77 -16.77 20.70 -2.55
CA PRO B 77 -17.20 21.27 -3.83
C PRO B 77 -17.52 20.27 -4.94
N ASN B 79 -19.05 16.54 -6.79
CA ASN B 79 -20.31 15.79 -6.88
C ASN B 79 -20.48 14.99 -5.58
N PRO B 80 -21.61 15.18 -4.89
CA PRO B 80 -21.77 14.48 -3.62
C PRO B 80 -21.71 12.94 -3.74
N ASP B 81 -22.00 12.36 -4.90
CA ASP B 81 -21.97 10.90 -5.04
C ASP B 81 -20.63 10.25 -4.80
N ILE B 82 -19.62 10.75 -5.51
CA ILE B 82 -18.29 10.19 -5.36
C ILE B 82 -17.80 10.41 -3.92
N SER B 83 -18.20 11.52 -3.30
CA SER B 83 -17.84 11.78 -1.91
C SER B 83 -18.47 10.70 -1.03
N ARG B 84 -19.78 10.42 -1.26
CA ARG B 84 -20.50 9.39 -0.50
C ARG B 84 -19.80 8.05 -0.68
N GLU B 85 -19.39 7.79 -1.92
CA GLU B 85 -18.78 6.55 -2.32
C GLU B 85 -17.48 6.29 -1.54
N VAL B 86 -16.61 7.30 -1.51
CA VAL B 86 -15.33 7.18 -0.86
C VAL B 86 -15.49 6.95 0.64
N LEU B 87 -16.44 7.62 1.31
CA LEU B 87 -16.59 7.49 2.76
C LEU B 87 -17.19 6.13 3.11
N SER B 88 -18.12 5.64 2.30
CA SER B 88 -18.73 4.36 2.63
C SER B 88 -17.72 3.22 2.37
N ASN B 89 -16.93 3.28 1.30
CA ASN B 89 -15.89 2.25 1.06
C ASN B 89 -14.76 2.37 2.11
N TRP B 90 -14.44 3.58 2.53
CA TRP B 90 -13.42 3.71 3.55
C TRP B 90 -13.94 3.05 4.83
N GLN B 91 -15.18 3.36 5.18
CA GLN B 91 -15.87 2.83 6.34
C GLN B 91 -15.83 1.30 6.32
N ALA B 92 -16.25 0.73 5.20
CA ALA B 92 -16.28 -0.70 5.01
C ALA B 92 -14.89 -1.31 5.25
N LEU B 93 -13.88 -0.79 4.56
CA LEU B 93 -12.52 -1.28 4.69
C LEU B 93 -12.13 -1.35 6.16
N LEU B 94 -12.51 -0.33 6.94
CA LEU B 94 -12.21 -0.32 8.38
C LEU B 94 -13.04 -1.38 9.12
N GLU B 95 -14.36 -1.22 9.09
CA GLU B 95 -15.28 -2.06 9.88
C GLU B 95 -15.30 -3.53 9.41
N LYS B 96 -15.16 -3.80 8.13
CA LYS B 96 -15.20 -5.20 7.70
C LYS B 96 -13.79 -5.75 7.41
N GLY B 97 -12.82 -4.88 7.15
CA GLY B 97 -11.48 -5.35 6.78
C GLY B 97 -10.45 -5.28 7.89
N VAL B 98 -10.02 -4.08 8.18
CA VAL B 98 -8.92 -3.84 9.11
C VAL B 98 -9.28 -4.16 10.58
N VAL B 99 -10.47 -3.79 11.07
CA VAL B 99 -10.83 -4.02 12.51
C VAL B 99 -10.96 -5.53 12.79
N PRO B 100 -11.69 -6.28 11.95
CA PRO B 100 -11.74 -7.73 12.16
C PRO B 100 -10.36 -8.38 11.99
N GLN B 101 -9.60 -7.97 10.98
CA GLN B 101 -8.31 -8.60 10.74
C GLN B 101 -7.37 -8.37 11.94
N GLN B 103 -8.28 -7.96 15.08
CA GLN B 103 -8.83 -8.78 16.16
C GLN B 103 -8.47 -10.26 15.98
N LEU B 104 -8.39 -10.72 14.74
CA LEU B 104 -8.03 -12.12 14.48
C LEU B 104 -6.55 -12.34 14.84
N ALA B 105 -5.71 -11.36 14.55
CA ALA B 105 -4.28 -11.50 14.87
C ALA B 105 -4.06 -11.44 16.38
N GLN B 106 -4.90 -10.69 17.07
CA GLN B 106 -4.79 -10.49 18.53
C GLN B 106 -5.40 -11.66 19.32
N GLN B 107 -6.62 -12.11 19.02
CA GLN B 107 -7.20 -13.25 19.82
C GLN B 107 -7.86 -14.27 18.88
N GLY B 108 -7.43 -14.34 17.62
CA GLY B 108 -8.00 -15.31 16.66
C GLY B 108 -6.97 -16.34 16.24
N SER B 109 -7.39 -17.31 15.43
CA SER B 109 -6.46 -18.35 14.97
C SER B 109 -5.61 -17.80 13.81
N LEU B 110 -4.47 -18.45 13.57
CA LEU B 110 -3.54 -18.05 12.52
C LEU B 110 -4.20 -18.20 11.14
N THR B 111 -4.88 -19.31 10.89
CA THR B 111 -5.50 -19.55 9.58
C THR B 111 -6.66 -18.56 9.34
N ALA B 112 -7.42 -18.21 10.38
CA ALA B 112 -8.53 -17.25 10.24
C ALA B 112 -7.99 -15.83 9.92
N TRP B 113 -6.92 -15.43 10.59
CA TRP B 113 -6.30 -14.13 10.31
C TRP B 113 -5.70 -14.12 8.90
N SER B 114 -5.00 -15.19 8.53
CA SER B 114 -4.35 -15.23 7.22
C SER B 114 -5.37 -15.36 6.08
N GLU B 115 -6.46 -16.09 6.28
CA GLU B 115 -7.45 -16.23 5.20
C GLU B 115 -8.11 -14.88 4.94
N HIS B 116 -8.47 -14.19 6.03
CA HIS B 116 -9.13 -12.87 6.00
C HIS B 116 -8.20 -11.80 5.42
N ALA B 117 -6.93 -11.85 5.80
CA ALA B 117 -5.92 -10.89 5.34
C ALA B 117 -5.48 -11.20 3.91
N SER B 118 -5.81 -12.38 3.38
CA SER B 118 -5.40 -12.76 2.01
C SER B 118 -6.57 -12.64 1.02
N THR B 119 -7.78 -12.38 1.51
CA THR B 119 -8.95 -12.33 0.63
C THR B 119 -9.88 -11.15 1.00
N VAL B 120 -10.55 -11.26 2.15
CA VAL B 120 -11.55 -10.28 2.59
C VAL B 120 -10.99 -8.85 2.56
N THR B 121 -10.01 -8.56 3.41
CA THR B 121 -9.43 -7.22 3.48
C THR B 121 -8.92 -6.73 2.12
N PRO B 122 -8.24 -7.58 1.33
CA PRO B 122 -7.78 -7.06 0.02
C PRO B 122 -8.90 -6.50 -0.88
N ALA B 123 -10.00 -7.24 -1.01
CA ALA B 123 -11.13 -6.83 -1.88
C ALA B 123 -11.65 -5.44 -1.47
N LEU B 124 -11.77 -5.23 -0.17
CA LEU B 124 -12.25 -3.95 0.35
C LEU B 124 -11.23 -2.87 0.00
N SER B 125 -9.95 -3.23 0.08
CA SER B 125 -8.85 -2.35 -0.23
C SER B 125 -8.94 -1.87 -1.69
N ARG B 126 -9.16 -2.80 -2.61
CA ARG B 126 -9.20 -2.45 -4.06
C ARG B 126 -10.42 -1.56 -4.35
N ALA B 127 -11.52 -1.76 -3.62
CA ALA B 127 -12.74 -0.97 -3.84
C ALA B 127 -12.50 0.47 -3.35
N PHE B 128 -11.95 0.62 -2.15
CA PHE B 128 -11.66 1.92 -1.61
C PHE B 128 -10.62 2.61 -2.49
N GLY B 129 -9.63 1.83 -2.93
CA GLY B 129 -8.59 2.37 -3.77
C GLY B 129 -9.14 2.90 -5.07
N ALA B 130 -10.13 2.18 -5.60
CA ALA B 130 -10.75 2.59 -6.88
C ALA B 130 -11.47 3.92 -6.68
N SER B 131 -12.31 3.99 -5.65
CA SER B 131 -13.03 5.21 -5.35
C SER B 131 -12.05 6.39 -5.21
N ALA B 132 -10.96 6.16 -4.47
CA ALA B 132 -9.96 7.19 -4.21
C ALA B 132 -9.33 7.70 -5.50
N GLU B 133 -9.01 6.77 -6.41
CA GLU B 133 -8.37 7.16 -7.67
C GLU B 133 -9.32 8.00 -8.53
N ARG B 134 -10.62 7.69 -8.53
CA ARG B 134 -11.53 8.49 -9.35
C ARG B 134 -11.77 9.83 -8.67
N PHE B 135 -11.78 9.85 -7.35
CA PHE B 135 -11.96 11.11 -6.65
C PHE B 135 -10.83 12.06 -7.06
N SER B 136 -9.61 11.56 -6.98
CA SER B 136 -8.41 12.35 -7.22
C SER B 136 -8.26 12.74 -8.69
N HIS B 137 -8.79 11.93 -9.61
CA HIS B 137 -8.67 12.25 -11.01
C HIS B 137 -9.59 13.44 -11.34
N GLU B 138 -10.79 13.42 -10.75
CA GLU B 138 -11.76 14.47 -10.93
C GLU B 138 -11.26 15.77 -10.28
N ALA B 139 -10.67 15.65 -9.08
CA ALA B 139 -10.16 16.80 -8.34
C ALA B 139 -9.04 17.47 -9.13
N GLY B 140 -8.09 16.65 -9.57
CA GLY B 140 -6.94 17.10 -10.34
C GLY B 140 -7.35 17.82 -11.60
N ALA B 141 -8.40 17.32 -12.27
CA ALA B 141 -8.93 17.93 -13.51
C ALA B 141 -9.43 19.35 -13.25
N LEU B 143 -8.68 21.36 -10.76
CA LEU B 143 -7.57 22.24 -10.38
C LEU B 143 -6.75 22.62 -11.62
N ASP B 144 -6.59 21.71 -12.56
CA ASP B 144 -5.79 22.00 -13.77
C ASP B 144 -6.55 22.74 -14.89
N ASN B 145 -7.82 23.08 -14.66
CA ASN B 145 -8.62 23.81 -15.62
C ASN B 145 -8.00 25.19 -15.86
#